data_2FQY
#
_entry.id   2FQY
#
_cell.length_a   55.620
_cell.length_b   69.097
_cell.length_c   69.656
_cell.angle_alpha   90.00
_cell.angle_beta   90.00
_cell.angle_gamma   90.00
#
_symmetry.space_group_name_H-M   'P 21 21 21'
#
loop_
_entity.id
_entity.type
_entity.pdbx_description
1 polymer 'Membrane lipoprotein tmpC'
2 non-polymer ADENOSINE
3 water water
#
_entity_poly.entity_id   1
_entity_poly.type   'polypeptide(L)'
_entity_poly.pdbx_seq_one_letter_code
;EGGDFVVGMVTDSGDIDDKSFNQQVWEGISRFAQENNAKCKYVTASTDAEYVPSLSAFADENMGLVVACGSFLVEAVIET
SARFPKQKFLVIDAVVQDRDNVVSAVFGQNEGSFLVGVAAALKAKEAGKSAVGFIVGMELGMMPLFEAGFEAGVKAVDPD
IQVVVEVANTFSDPQKGQALAAKLYDSGVNVIFQVAGGTGNGVIKEARDRRLNGQDVWVIGVDRDQYMDGVYDGSKSVVL
TSMVKRADVAAERISKMAYDGSFPGGQSIMFGLEDKAVGIPEENPNLSSAVMEKIRSFEEKIVSKEIVVPVRSARMMN
;
_entity_poly.pdbx_strand_id   A
#
# COMPACT_ATOMS: atom_id res chain seq x y z
N GLY A 3 7.55 27.30 -20.58
CA GLY A 3 7.31 26.80 -19.19
C GLY A 3 6.06 25.94 -19.11
N ASP A 4 5.84 25.35 -17.95
CA ASP A 4 4.64 24.55 -17.78
C ASP A 4 4.41 24.33 -16.31
N PHE A 5 3.24 23.80 -15.97
CA PHE A 5 2.93 23.50 -14.58
C PHE A 5 3.69 22.20 -14.36
N VAL A 6 4.53 22.15 -13.33
CA VAL A 6 5.34 20.96 -13.08
C VAL A 6 5.09 20.33 -11.71
N VAL A 7 5.00 19.01 -11.68
CA VAL A 7 4.83 18.28 -10.42
C VAL A 7 6.11 17.47 -10.19
N GLY A 8 6.72 17.65 -9.03
CA GLY A 8 7.94 16.93 -8.73
C GLY A 8 7.70 15.97 -7.61
N MET A 9 8.16 14.74 -7.79
CA MET A 9 7.99 13.67 -6.80
C MET A 9 9.31 13.30 -6.13
N VAL A 10 9.28 13.10 -4.82
CA VAL A 10 10.48 12.67 -4.12
C VAL A 10 10.14 11.34 -3.41
N THR A 11 10.91 10.28 -3.69
CA THR A 11 10.68 9.00 -3.04
C THR A 11 11.55 8.95 -1.77
N ASP A 12 11.14 8.14 -0.81
CA ASP A 12 11.93 8.02 0.42
C ASP A 12 12.69 6.71 0.46
N SER A 13 12.44 5.83 -0.50
CA SER A 13 13.08 4.53 -0.53
C SER A 13 12.69 3.82 -1.83
N GLY A 14 13.66 3.14 -2.44
CA GLY A 14 13.40 2.41 -3.67
C GLY A 14 13.23 3.33 -4.88
N ASP A 15 12.70 2.76 -5.97
CA ASP A 15 12.52 3.56 -7.19
C ASP A 15 11.08 3.48 -7.71
N ILE A 16 10.81 4.15 -8.83
CA ILE A 16 9.47 4.18 -9.41
C ILE A 16 9.04 2.88 -10.06
N ASP A 17 9.95 1.92 -10.13
CA ASP A 17 9.67 0.63 -10.74
C ASP A 17 9.48 -0.45 -9.66
N ASP A 18 9.01 -0.02 -8.48
CA ASP A 18 8.82 -0.95 -7.36
C ASP A 18 7.61 -1.88 -7.48
N LYS A 19 6.91 -1.83 -8.61
CA LYS A 19 5.76 -2.71 -8.87
C LYS A 19 4.63 -2.49 -7.87
N SER A 20 4.68 -1.40 -7.14
CA SER A 20 3.68 -1.18 -6.13
C SER A 20 3.44 0.30 -5.78
N PHE A 21 3.91 0.72 -4.61
CA PHE A 21 3.68 2.07 -4.09
C PHE A 21 4.24 3.25 -4.88
N ASN A 22 5.56 3.30 -5.05
CA ASN A 22 6.18 4.40 -5.80
C ASN A 22 5.61 4.41 -7.21
N GLN A 23 5.45 3.22 -7.77
CA GLN A 23 4.91 3.07 -9.12
C GLN A 23 3.51 3.64 -9.26
N GLN A 24 2.65 3.35 -8.29
CA GLN A 24 1.30 3.89 -8.31
C GLN A 24 1.33 5.42 -8.28
N VAL A 25 2.11 5.98 -7.35
CA VAL A 25 2.18 7.44 -7.23
C VAL A 25 2.69 8.08 -8.52
N TRP A 26 3.77 7.53 -9.07
CA TRP A 26 4.34 8.07 -10.31
C TRP A 26 3.36 7.92 -11.48
N GLU A 27 2.64 6.81 -11.54
CA GLU A 27 1.68 6.65 -12.64
C GLU A 27 0.57 7.70 -12.59
N GLY A 28 0.14 8.02 -11.37
CA GLY A 28 -0.92 9.01 -11.15
C GLY A 28 -0.48 10.40 -11.55
N ILE A 29 0.71 10.80 -11.10
CA ILE A 29 1.27 12.10 -11.46
C ILE A 29 1.47 12.13 -12.97
N SER A 30 1.93 11.01 -13.54
CA SER A 30 2.14 10.93 -15.00
C SER A 30 0.84 11.11 -15.80
N ARG A 31 -0.26 10.51 -15.35
CA ARG A 31 -1.56 10.64 -16.04
C ARG A 31 -2.03 12.09 -15.96
N PHE A 32 -1.91 12.69 -14.77
CA PHE A 32 -2.30 14.10 -14.59
C PHE A 32 -1.58 14.96 -15.61
N ALA A 33 -0.27 14.75 -15.72
CA ALA A 33 0.57 15.54 -16.63
C ALA A 33 0.19 15.38 -18.09
N GLN A 34 0.07 14.12 -18.50
CA GLN A 34 -0.28 13.76 -19.84
C GLN A 34 -1.66 14.29 -20.24
N GLU A 35 -2.62 14.20 -19.33
CA GLU A 35 -3.97 14.67 -19.64
C GLU A 35 -4.15 16.19 -19.61
N ASN A 36 -3.23 16.89 -18.97
CA ASN A 36 -3.32 18.34 -18.86
C ASN A 36 -2.16 19.12 -19.50
N ASN A 37 -1.42 18.47 -20.37
CA ASN A 37 -0.28 19.14 -21.01
C ASN A 37 0.59 19.82 -19.95
N ALA A 38 0.88 19.10 -18.87
CA ALA A 38 1.73 19.62 -17.82
C ALA A 38 2.97 18.72 -17.82
N LYS A 39 3.87 18.92 -16.88
CA LYS A 39 5.08 18.12 -16.83
C LYS A 39 5.32 17.59 -15.44
N CYS A 40 6.14 16.56 -15.36
CA CYS A 40 6.44 15.98 -14.06
C CYS A 40 7.82 15.35 -14.08
N LYS A 41 8.41 15.24 -12.89
CA LYS A 41 9.71 14.63 -12.74
C LYS A 41 9.83 14.12 -11.31
N TYR A 42 10.83 13.29 -11.05
CA TYR A 42 11.02 12.74 -9.72
C TYR A 42 12.50 12.58 -9.41
N VAL A 43 12.79 12.46 -8.13
CA VAL A 43 14.14 12.21 -7.67
C VAL A 43 14.02 11.16 -6.57
N THR A 44 14.99 10.25 -6.51
CA THR A 44 15.02 9.21 -5.48
C THR A 44 15.94 9.65 -4.35
N ALA A 45 15.51 9.39 -3.12
CA ALA A 45 16.29 9.74 -1.93
C ALA A 45 16.21 8.60 -0.91
N SER A 46 17.20 7.73 -0.90
CA SER A 46 17.22 6.60 0.03
C SER A 46 17.60 6.94 1.47
N THR A 47 18.52 7.88 1.67
CA THR A 47 18.97 8.27 3.00
C THR A 47 18.21 9.52 3.42
N ASP A 48 17.88 9.65 4.69
CA ASP A 48 17.12 10.82 5.12
C ASP A 48 17.86 12.16 5.10
N ALA A 49 19.17 12.13 4.97
CA ALA A 49 19.95 13.36 4.92
C ALA A 49 19.81 13.90 3.51
N GLU A 50 19.25 13.04 2.65
CA GLU A 50 19.00 13.39 1.26
C GLU A 50 17.59 13.94 1.05
N TYR A 51 16.77 13.84 2.11
CA TYR A 51 15.38 14.29 2.05
C TYR A 51 15.13 15.80 1.92
N VAL A 52 15.61 16.57 2.89
CA VAL A 52 15.43 18.03 2.87
C VAL A 52 16.04 18.62 1.60
N PRO A 53 17.27 18.22 1.26
CA PRO A 53 17.88 18.75 0.04
C PRO A 53 17.03 18.49 -1.22
N SER A 54 16.42 17.30 -1.29
CA SER A 54 15.60 16.95 -2.44
C SER A 54 14.33 17.79 -2.53
N LEU A 55 13.62 17.91 -1.42
CA LEU A 55 12.39 18.67 -1.38
C LEU A 55 12.65 20.17 -1.59
N SER A 56 13.77 20.65 -1.05
CA SER A 56 14.14 22.07 -1.16
C SER A 56 14.48 22.50 -2.59
N ALA A 57 15.24 21.68 -3.30
CA ALA A 57 15.61 21.99 -4.68
C ALA A 57 14.34 22.14 -5.53
N PHE A 58 13.36 21.25 -5.29
CA PHE A 58 12.11 21.32 -6.05
C PHE A 58 11.35 22.58 -5.67
N ALA A 59 11.28 22.87 -4.37
CA ALA A 59 10.59 24.08 -3.92
C ALA A 59 11.27 25.31 -4.52
N ASP A 60 12.59 25.28 -4.61
CA ASP A 60 13.37 26.38 -5.18
C ASP A 60 13.13 26.57 -6.67
N GLU A 61 12.60 25.56 -7.32
CA GLU A 61 12.30 25.68 -8.75
C GLU A 61 10.87 26.19 -8.92
N ASN A 62 10.24 26.55 -7.80
CA ASN A 62 8.86 27.07 -7.80
C ASN A 62 7.95 26.23 -8.68
N MET A 63 7.83 24.93 -8.36
CA MET A 63 6.96 24.11 -9.19
C MET A 63 5.52 24.11 -8.72
N GLY A 64 4.63 23.54 -9.53
CA GLY A 64 3.22 23.55 -9.19
C GLY A 64 2.89 22.78 -7.93
N LEU A 65 3.61 21.69 -7.72
CA LEU A 65 3.37 20.85 -6.55
C LEU A 65 4.53 19.91 -6.32
N VAL A 66 4.93 19.76 -5.05
CA VAL A 66 6.00 18.86 -4.66
C VAL A 66 5.29 17.72 -3.95
N VAL A 67 5.54 16.49 -4.41
CA VAL A 67 4.91 15.31 -3.84
C VAL A 67 5.92 14.48 -3.05
N ALA A 68 5.70 14.35 -1.74
CA ALA A 68 6.56 13.56 -0.87
C ALA A 68 5.89 12.18 -0.77
N CYS A 69 6.53 11.19 -1.36
CA CYS A 69 5.98 9.84 -1.43
C CYS A 69 6.49 8.94 -0.32
N GLY A 70 5.69 8.79 0.74
CA GLY A 70 6.09 7.92 1.83
C GLY A 70 6.20 8.60 3.20
N SER A 71 5.97 7.86 4.27
CA SER A 71 6.01 8.41 5.62
C SER A 71 7.40 8.79 6.18
N PHE A 72 8.48 8.28 5.60
CA PHE A 72 9.80 8.63 6.10
C PHE A 72 10.07 10.12 5.89
N LEU A 73 9.32 10.72 4.97
CA LEU A 73 9.50 12.13 4.61
C LEU A 73 8.73 13.17 5.43
N VAL A 74 7.91 12.73 6.37
CA VAL A 74 7.11 13.67 7.14
C VAL A 74 7.89 14.80 7.81
N GLU A 75 8.95 14.46 8.55
CA GLU A 75 9.75 15.50 9.20
C GLU A 75 10.32 16.51 8.20
N ALA A 76 10.95 15.99 7.14
CA ALA A 76 11.57 16.83 6.12
C ALA A 76 10.55 17.76 5.47
N VAL A 77 9.31 17.27 5.34
CA VAL A 77 8.24 18.08 4.75
C VAL A 77 7.75 19.14 5.71
N ILE A 78 7.59 18.79 6.98
CA ILE A 78 7.13 19.80 7.92
C ILE A 78 8.18 20.93 7.97
N GLU A 79 9.45 20.58 8.01
CA GLU A 79 10.52 21.58 8.04
C GLU A 79 10.68 22.33 6.71
N THR A 80 10.66 21.61 5.59
CA THR A 80 10.83 22.24 4.29
C THR A 80 9.67 23.15 3.93
N SER A 81 8.46 22.72 4.25
CA SER A 81 7.31 23.52 3.91
C SER A 81 7.26 24.77 4.78
N ALA A 82 7.98 24.74 5.90
CA ALA A 82 8.02 25.89 6.79
C ALA A 82 8.82 26.98 6.12
N ARG A 83 9.93 26.59 5.52
CA ARG A 83 10.82 27.53 4.85
C ARG A 83 10.26 28.07 3.54
N PHE A 84 9.47 27.24 2.87
CA PHE A 84 8.90 27.59 1.56
C PHE A 84 7.39 27.68 1.59
N PRO A 85 6.83 28.66 2.31
CA PRO A 85 5.39 28.86 2.45
C PRO A 85 4.59 29.11 1.16
N LYS A 86 5.26 29.55 0.09
CA LYS A 86 4.52 29.79 -1.13
C LYS A 86 4.50 28.56 -2.06
N GLN A 87 5.17 27.49 -1.64
CA GLN A 87 5.22 26.25 -2.41
C GLN A 87 4.21 25.25 -1.86
N LYS A 88 3.43 24.63 -2.75
CA LYS A 88 2.44 23.62 -2.35
C LYS A 88 3.10 22.24 -2.29
N PHE A 89 2.77 21.51 -1.22
CA PHE A 89 3.31 20.16 -0.97
C PHE A 89 2.20 19.17 -0.74
N LEU A 90 2.39 17.94 -1.22
CA LEU A 90 1.41 16.88 -0.99
C LEU A 90 2.19 15.72 -0.36
N VAL A 91 1.72 15.27 0.81
CA VAL A 91 2.38 14.16 1.48
C VAL A 91 1.48 12.96 1.31
N ILE A 92 2.03 11.90 0.74
CA ILE A 92 1.24 10.72 0.55
C ILE A 92 1.61 9.68 1.60
N ASP A 93 0.58 9.14 2.24
CA ASP A 93 0.68 8.08 3.25
C ASP A 93 0.99 8.47 4.69
N ALA A 94 0.82 9.74 5.02
CA ALA A 94 1.06 10.20 6.40
C ALA A 94 0.26 11.47 6.67
N VAL A 95 0.01 11.76 7.94
CA VAL A 95 -0.78 12.91 8.33
C VAL A 95 0.04 14.15 8.64
N VAL A 96 -0.34 15.26 8.00
CA VAL A 96 0.29 16.56 8.23
C VAL A 96 -0.83 17.58 8.24
N GLN A 97 -1.03 18.22 9.39
CA GLN A 97 -2.07 19.21 9.51
C GLN A 97 -1.49 20.54 9.97
N ASP A 98 -2.33 21.57 9.96
CA ASP A 98 -1.91 22.90 10.39
C ASP A 98 -0.88 23.56 9.48
N ARG A 99 -0.90 23.21 8.20
CA ARG A 99 0.04 23.81 7.29
C ARG A 99 -0.71 24.10 6.03
N ASP A 100 -0.94 25.38 5.79
CA ASP A 100 -1.70 25.88 4.64
C ASP A 100 -1.16 25.45 3.29
N ASN A 101 0.14 25.19 3.20
CA ASN A 101 0.74 24.79 1.93
C ASN A 101 0.98 23.29 1.84
N VAL A 102 0.42 22.54 2.79
CA VAL A 102 0.57 21.08 2.78
C VAL A 102 -0.80 20.37 2.81
N VAL A 103 -0.93 19.36 1.97
CA VAL A 103 -2.12 18.53 1.91
C VAL A 103 -1.56 17.14 2.11
N SER A 104 -2.23 16.32 2.90
CA SER A 104 -1.72 14.97 3.07
C SER A 104 -2.82 13.99 2.75
N ALA A 105 -2.44 12.90 2.10
CA ALA A 105 -3.42 11.90 1.71
C ALA A 105 -3.11 10.60 2.43
N VAL A 106 -4.08 10.09 3.18
CA VAL A 106 -3.93 8.82 3.89
C VAL A 106 -5.00 7.86 3.37
N PHE A 107 -4.87 6.56 3.67
CA PHE A 107 -5.80 5.57 3.13
C PHE A 107 -6.40 4.62 4.17
N GLY A 108 -7.66 4.23 3.96
CA GLY A 108 -8.33 3.33 4.89
C GLY A 108 -7.92 1.90 4.61
N GLN A 109 -6.62 1.65 4.69
CA GLN A 109 -6.07 0.36 4.34
C GLN A 109 -6.48 -0.75 5.30
N ASN A 110 -6.95 -0.39 6.51
CA ASN A 110 -7.47 -1.43 7.42
C ASN A 110 -8.76 -2.00 6.80
N GLU A 111 -9.59 -1.13 6.22
CA GLU A 111 -10.84 -1.58 5.61
C GLU A 111 -10.58 -2.42 4.37
N GLY A 112 -9.62 -2.00 3.54
CA GLY A 112 -9.31 -2.78 2.36
C GLY A 112 -8.70 -4.12 2.73
N SER A 113 -7.83 -4.11 3.74
CA SER A 113 -7.17 -5.31 4.21
C SER A 113 -8.15 -6.32 4.83
N PHE A 114 -9.26 -5.82 5.35
CA PHE A 114 -10.27 -6.69 5.93
C PHE A 114 -10.72 -7.64 4.80
N LEU A 115 -10.95 -7.09 3.62
CA LEU A 115 -11.38 -7.90 2.49
C LEU A 115 -10.43 -9.01 2.06
N VAL A 116 -9.13 -8.75 2.04
CA VAL A 116 -8.22 -9.82 1.63
C VAL A 116 -7.99 -10.81 2.78
N GLY A 117 -8.31 -10.39 4.00
CA GLY A 117 -8.20 -11.28 5.14
C GLY A 117 -9.32 -12.31 5.00
N VAL A 118 -10.47 -11.85 4.55
CA VAL A 118 -11.58 -12.80 4.32
C VAL A 118 -11.11 -13.82 3.26
N ALA A 119 -10.52 -13.32 2.17
CA ALA A 119 -10.05 -14.22 1.13
C ALA A 119 -8.98 -15.18 1.65
N ALA A 120 -8.05 -14.67 2.49
CA ALA A 120 -6.99 -15.49 3.02
C ALA A 120 -7.54 -16.63 3.89
N ALA A 121 -8.44 -16.30 4.80
CA ALA A 121 -9.03 -17.28 5.71
C ALA A 121 -9.80 -18.36 4.96
N LEU A 122 -10.56 -17.98 3.95
CA LEU A 122 -11.33 -18.97 3.20
C LEU A 122 -10.37 -19.91 2.47
N LYS A 123 -9.34 -19.37 1.82
CA LYS A 123 -8.38 -20.21 1.15
C LYS A 123 -7.66 -21.13 2.16
N ALA A 124 -7.26 -20.57 3.31
CA ALA A 124 -6.58 -21.38 4.32
C ALA A 124 -7.48 -22.52 4.83
N LYS A 125 -8.75 -22.23 5.06
CA LYS A 125 -9.69 -23.25 5.55
C LYS A 125 -9.77 -24.41 4.57
N GLU A 126 -9.71 -24.09 3.29
CA GLU A 126 -9.75 -25.08 2.21
C GLU A 126 -8.70 -26.16 2.40
N ALA A 127 -7.54 -25.78 2.93
CA ALA A 127 -6.46 -26.74 3.15
C ALA A 127 -6.39 -27.16 4.60
N GLY A 128 -7.40 -26.77 5.36
CA GLY A 128 -7.43 -27.13 6.76
C GLY A 128 -6.36 -26.42 7.58
N LYS A 129 -5.95 -25.24 7.14
CA LYS A 129 -4.91 -24.46 7.84
C LYS A 129 -5.55 -23.56 8.91
N SER A 130 -4.85 -23.36 10.02
CA SER A 130 -5.35 -22.49 11.07
C SER A 130 -4.38 -21.35 11.30
N ALA A 131 -3.59 -21.06 10.27
CA ALA A 131 -2.62 -19.96 10.33
C ALA A 131 -2.40 -19.37 8.94
N VAL A 132 -2.21 -18.05 8.88
CA VAL A 132 -1.92 -17.37 7.62
C VAL A 132 -0.74 -16.42 7.92
N GLY A 133 0.02 -16.05 6.90
CA GLY A 133 1.19 -15.23 7.08
C GLY A 133 0.97 -13.78 6.71
N PHE A 134 1.82 -12.90 7.22
CA PHE A 134 1.71 -11.47 6.95
C PHE A 134 3.13 -10.89 7.02
N ILE A 135 3.61 -10.30 5.92
CA ILE A 135 4.94 -9.71 5.91
C ILE A 135 4.76 -8.23 5.63
N VAL A 136 5.23 -7.37 6.53
CA VAL A 136 5.05 -5.95 6.36
C VAL A 136 6.42 -5.27 6.33
N GLY A 137 6.58 -4.25 5.49
CA GLY A 137 7.87 -3.59 5.35
C GLY A 137 8.39 -2.86 6.58
N MET A 138 7.53 -2.10 7.25
CA MET A 138 7.88 -1.33 8.45
C MET A 138 6.58 -1.18 9.21
N GLU A 139 6.66 -0.80 10.48
CA GLU A 139 5.45 -0.65 11.28
C GLU A 139 5.20 0.75 11.79
N LEU A 140 6.01 1.71 11.35
N LEU A 140 6.01 1.71 11.35
CA LEU A 140 5.80 3.07 11.80
CA LEU A 140 5.80 3.08 11.81
C LEU A 140 4.66 3.74 11.06
C LEU A 140 4.64 3.74 11.07
N GLY A 141 4.28 4.93 11.52
CA GLY A 141 3.18 5.65 10.87
C GLY A 141 1.87 4.88 10.84
N MET A 142 1.19 4.96 9.70
N MET A 142 1.18 4.97 9.71
CA MET A 142 -0.10 4.30 9.51
CA MET A 142 -0.10 4.30 9.53
C MET A 142 0.04 2.83 9.12
C MET A 142 0.04 2.83 9.11
N MET A 143 1.27 2.33 9.01
CA MET A 143 1.47 0.95 8.59
C MET A 143 0.67 -0.12 9.34
N PRO A 144 0.50 0.02 10.67
CA PRO A 144 -0.25 -0.97 11.45
C PRO A 144 -1.70 -1.22 11.03
N LEU A 145 -2.27 -0.27 10.30
CA LEU A 145 -3.65 -0.40 9.81
C LEU A 145 -3.81 -1.68 8.98
N PHE A 146 -2.80 -2.04 8.17
CA PHE A 146 -2.90 -3.24 7.33
C PHE A 146 -3.11 -4.50 8.17
N GLU A 147 -2.24 -4.74 9.14
CA GLU A 147 -2.36 -5.94 9.98
C GLU A 147 -3.69 -5.94 10.76
N ALA A 148 -4.05 -4.78 11.32
CA ALA A 148 -5.28 -4.63 12.08
C ALA A 148 -6.48 -5.09 11.25
N GLY A 149 -6.54 -4.63 10.01
CA GLY A 149 -7.64 -5.00 9.13
C GLY A 149 -7.55 -6.44 8.61
N PHE A 150 -6.34 -6.89 8.27
CA PHE A 150 -6.15 -8.24 7.76
C PHE A 150 -6.64 -9.23 8.85
N GLU A 151 -6.20 -9.01 10.07
CA GLU A 151 -6.60 -9.85 11.19
C GLU A 151 -8.12 -9.81 11.40
N ALA A 152 -8.74 -8.63 11.28
CA ALA A 152 -10.19 -8.53 11.47
C ALA A 152 -10.94 -9.39 10.42
N GLY A 153 -10.52 -9.28 9.17
CA GLY A 153 -11.12 -10.04 8.09
C GLY A 153 -10.94 -11.54 8.29
N VAL A 154 -9.75 -11.96 8.73
CA VAL A 154 -9.48 -13.39 8.98
C VAL A 154 -10.44 -13.90 10.06
N LYS A 155 -10.52 -13.15 11.18
N LYS A 155 -10.50 -13.16 11.18
CA LYS A 155 -11.37 -13.55 12.30
CA LYS A 155 -11.37 -13.53 12.30
C LYS A 155 -12.86 -13.54 11.95
C LYS A 155 -12.86 -13.55 11.95
N ALA A 156 -13.26 -12.67 11.04
CA ALA A 156 -14.66 -12.59 10.64
C ALA A 156 -15.06 -13.89 9.94
N VAL A 157 -14.07 -14.62 9.45
CA VAL A 157 -14.34 -15.89 8.80
C VAL A 157 -14.18 -17.00 9.83
N ASP A 158 -13.08 -17.00 10.56
CA ASP A 158 -12.82 -18.04 11.56
C ASP A 158 -11.86 -17.52 12.63
N PRO A 159 -12.37 -17.24 13.83
CA PRO A 159 -11.62 -16.73 14.97
C PRO A 159 -10.45 -17.59 15.40
N ASP A 160 -10.45 -18.86 15.01
CA ASP A 160 -9.36 -19.75 15.41
C ASP A 160 -8.16 -19.71 14.48
N ILE A 161 -8.24 -18.94 13.39
CA ILE A 161 -7.11 -18.84 12.49
C ILE A 161 -6.18 -17.75 13.01
N GLN A 162 -4.90 -18.08 13.15
CA GLN A 162 -3.90 -17.15 13.66
C GLN A 162 -3.11 -16.47 12.52
N VAL A 163 -2.78 -15.20 12.71
CA VAL A 163 -1.98 -14.44 11.76
C VAL A 163 -0.53 -14.45 12.29
N VAL A 164 0.40 -14.90 11.46
CA VAL A 164 1.83 -14.95 11.82
C VAL A 164 2.50 -13.79 11.10
N VAL A 165 3.06 -12.86 11.88
CA VAL A 165 3.65 -11.65 11.33
C VAL A 165 5.19 -11.57 11.28
N GLU A 166 5.74 -11.06 10.17
N GLU A 166 5.73 -11.03 10.19
CA GLU A 166 7.17 -10.86 10.04
CA GLU A 166 7.17 -10.84 10.06
C GLU A 166 7.31 -9.44 9.54
C GLU A 166 7.31 -9.42 9.52
N VAL A 167 8.24 -8.68 10.11
CA VAL A 167 8.49 -7.30 9.73
C VAL A 167 9.83 -7.28 9.04
N ALA A 168 9.89 -6.74 7.81
CA ALA A 168 11.17 -6.72 7.11
C ALA A 168 12.11 -5.59 7.52
N ASN A 169 11.53 -4.49 8.00
N ASN A 169 11.53 -4.49 8.00
CA ASN A 169 12.26 -3.30 8.42
CA ASN A 169 12.27 -3.31 8.43
C ASN A 169 12.93 -2.64 7.21
C ASN A 169 12.93 -2.64 7.21
N THR A 170 12.26 -2.74 6.07
CA THR A 170 12.71 -2.12 4.82
C THR A 170 11.70 -2.39 3.73
N PHE A 171 11.48 -1.38 2.89
CA PHE A 171 10.58 -1.48 1.76
C PHE A 171 11.35 -1.73 0.47
N SER A 172 12.66 -1.79 0.55
N SER A 172 12.67 -1.77 0.55
CA SER A 172 13.45 -1.98 -0.66
CA SER A 172 13.46 -1.96 -0.66
C SER A 172 14.50 -3.09 -0.64
C SER A 172 14.51 -3.08 -0.63
N ASP A 173 14.13 -4.26 -0.10
CA ASP A 173 15.07 -5.38 -0.04
C ASP A 173 14.33 -6.67 -0.39
N PRO A 174 14.17 -6.98 -1.71
CA PRO A 174 13.46 -8.20 -2.11
C PRO A 174 14.14 -9.48 -1.65
N GLN A 175 15.45 -9.39 -1.41
CA GLN A 175 16.23 -10.52 -0.93
C GLN A 175 15.68 -10.91 0.46
N LYS A 176 15.44 -9.91 1.30
CA LYS A 176 14.87 -10.07 2.64
C LYS A 176 13.39 -10.54 2.52
N GLY A 177 12.65 -9.98 1.57
CA GLY A 177 11.26 -10.39 1.38
C GLY A 177 11.19 -11.87 1.07
N GLN A 178 12.07 -12.33 0.17
CA GLN A 178 12.11 -13.73 -0.19
C GLN A 178 12.49 -14.58 1.03
N ALA A 179 13.49 -14.14 1.79
CA ALA A 179 13.90 -14.87 2.98
C ALA A 179 12.77 -15.00 4.01
N LEU A 180 12.03 -13.90 4.24
CA LEU A 180 10.95 -13.94 5.22
C LEU A 180 9.79 -14.80 4.71
N ALA A 181 9.59 -14.80 3.40
CA ALA A 181 8.52 -15.62 2.84
C ALA A 181 8.89 -17.08 3.02
N ALA A 182 10.16 -17.43 2.74
CA ALA A 182 10.56 -18.84 2.87
C ALA A 182 10.37 -19.28 4.31
N LYS A 183 10.69 -18.39 5.25
CA LYS A 183 10.54 -18.73 6.67
C LYS A 183 9.08 -19.04 6.98
N LEU A 184 8.17 -18.19 6.49
CA LEU A 184 6.75 -18.42 6.76
C LEU A 184 6.24 -19.67 6.06
N TYR A 185 6.52 -19.84 4.78
CA TYR A 185 6.04 -21.01 4.08
C TYR A 185 6.65 -22.30 4.67
N ASP A 186 7.93 -22.27 5.04
CA ASP A 186 8.58 -23.43 5.66
C ASP A 186 7.82 -23.85 6.94
N SER A 187 7.18 -22.88 7.61
CA SER A 187 6.44 -23.22 8.84
C SER A 187 5.08 -23.88 8.58
N GLY A 188 4.68 -24.03 7.31
CA GLY A 188 3.38 -24.64 7.04
C GLY A 188 2.27 -23.73 6.53
N VAL A 189 2.50 -22.42 6.60
N VAL A 189 2.49 -22.42 6.60
CA VAL A 189 1.54 -21.42 6.13
CA VAL A 189 1.50 -21.44 6.13
C VAL A 189 1.34 -21.57 4.60
C VAL A 189 1.33 -21.57 4.60
N ASN A 190 0.10 -21.48 4.12
CA ASN A 190 -0.11 -21.60 2.66
C ASN A 190 -0.57 -20.29 2.00
N VAL A 191 -0.74 -19.25 2.83
CA VAL A 191 -1.13 -17.95 2.33
C VAL A 191 -0.40 -16.85 3.07
N ILE A 192 0.20 -15.92 2.31
CA ILE A 192 0.90 -14.78 2.91
C ILE A 192 0.41 -13.47 2.30
N PHE A 193 0.01 -12.51 3.15
CA PHE A 193 -0.38 -11.18 2.64
C PHE A 193 0.90 -10.34 2.73
N GLN A 194 1.38 -9.81 1.61
CA GLN A 194 2.62 -9.01 1.66
C GLN A 194 2.26 -7.53 1.54
N VAL A 195 2.80 -6.72 2.45
CA VAL A 195 2.55 -5.27 2.49
C VAL A 195 3.93 -4.70 2.67
N ALA A 196 4.75 -4.85 1.62
CA ALA A 196 6.14 -4.48 1.75
C ALA A 196 6.82 -3.79 0.57
N GLY A 197 6.03 -3.14 -0.29
CA GLY A 197 6.59 -2.43 -1.43
C GLY A 197 7.57 -3.26 -2.24
N GLY A 198 8.74 -2.67 -2.56
CA GLY A 198 9.75 -3.38 -3.34
C GLY A 198 10.17 -4.71 -2.70
N THR A 199 10.30 -4.70 -1.38
CA THR A 199 10.65 -5.90 -0.63
C THR A 199 9.63 -7.00 -0.93
N GLY A 200 8.38 -6.59 -1.13
CA GLY A 200 7.30 -7.52 -1.40
C GLY A 200 7.49 -8.27 -2.70
N ASN A 201 8.27 -7.73 -3.63
CA ASN A 201 8.46 -8.45 -4.89
C ASN A 201 9.23 -9.74 -4.68
N GLY A 202 10.05 -9.77 -3.63
CA GLY A 202 10.79 -10.98 -3.28
C GLY A 202 9.84 -12.01 -2.64
N VAL A 203 8.76 -11.55 -2.00
CA VAL A 203 7.81 -12.46 -1.39
C VAL A 203 7.03 -13.14 -2.53
N ILE A 204 6.62 -12.36 -3.52
CA ILE A 204 5.88 -12.90 -4.67
C ILE A 204 6.77 -13.89 -5.43
N LYS A 205 8.06 -13.58 -5.54
N LYS A 205 8.06 -13.58 -5.54
CA LYS A 205 9.00 -14.47 -6.23
CA LYS A 205 9.00 -14.46 -6.24
C LYS A 205 9.09 -15.81 -5.51
C LYS A 205 9.09 -15.81 -5.51
N GLU A 206 9.19 -15.77 -4.19
CA GLU A 206 9.28 -17.01 -3.39
C GLU A 206 8.01 -17.85 -3.60
N ALA A 207 6.84 -17.21 -3.60
CA ALA A 207 5.61 -17.94 -3.81
C ALA A 207 5.62 -18.64 -5.20
N ARG A 208 6.08 -17.94 -6.25
CA ARG A 208 6.17 -18.54 -7.58
C ARG A 208 7.16 -19.70 -7.58
N ASP A 209 8.32 -19.53 -6.93
CA ASP A 209 9.33 -20.60 -6.85
C ASP A 209 8.74 -21.81 -6.12
N ARG A 210 8.03 -21.54 -5.02
CA ARG A 210 7.42 -22.61 -4.23
C ARG A 210 6.39 -23.44 -4.98
N ARG A 211 5.51 -22.77 -5.72
CA ARG A 211 4.48 -23.45 -6.47
C ARG A 211 5.12 -24.35 -7.53
N LEU A 212 6.09 -23.79 -8.26
CA LEU A 212 6.79 -24.56 -9.27
C LEU A 212 7.39 -25.79 -8.59
N ASN A 213 7.88 -25.62 -7.36
CA ASN A 213 8.46 -26.71 -6.59
C ASN A 213 7.45 -27.70 -6.01
N GLY A 214 6.18 -27.56 -6.38
CA GLY A 214 5.17 -28.48 -5.90
C GLY A 214 4.45 -28.17 -4.59
N GLN A 215 4.62 -26.95 -4.08
CA GLN A 215 3.96 -26.55 -2.84
C GLN A 215 2.78 -25.64 -3.18
N ASP A 216 1.60 -26.01 -2.71
CA ASP A 216 0.37 -25.27 -2.98
C ASP A 216 0.28 -23.99 -2.13
N VAL A 217 1.07 -22.99 -2.47
CA VAL A 217 1.09 -21.76 -1.70
C VAL A 217 0.54 -20.59 -2.48
N TRP A 218 0.18 -19.55 -1.75
CA TRP A 218 -0.42 -18.34 -2.31
C TRP A 218 0.15 -17.10 -1.67
N VAL A 219 0.07 -15.98 -2.40
CA VAL A 219 0.47 -14.68 -1.89
C VAL A 219 -0.67 -13.69 -2.24
N ILE A 220 -0.84 -12.66 -1.41
CA ILE A 220 -1.85 -11.62 -1.67
C ILE A 220 -0.99 -10.37 -1.88
N GLY A 221 -1.21 -9.70 -3.01
CA GLY A 221 -0.44 -8.53 -3.35
C GLY A 221 -0.94 -7.26 -2.70
N VAL A 222 -0.33 -6.14 -3.06
CA VAL A 222 -0.72 -4.86 -2.47
C VAL A 222 -0.42 -3.69 -3.41
N ASP A 223 -1.09 -2.57 -3.18
CA ASP A 223 -0.94 -1.34 -3.95
C ASP A 223 -1.50 -1.46 -5.36
N ARG A 224 -0.88 -2.32 -6.16
CA ARG A 224 -1.36 -2.55 -7.53
C ARG A 224 -2.11 -3.88 -7.56
N ASP A 225 -2.81 -4.15 -8.68
CA ASP A 225 -3.43 -5.46 -8.86
C ASP A 225 -2.19 -6.24 -9.33
N GLN A 226 -1.63 -7.05 -8.45
CA GLN A 226 -0.42 -7.79 -8.78
C GLN A 226 -0.62 -9.19 -9.34
N TYR A 227 -1.80 -9.47 -9.84
CA TYR A 227 -2.10 -10.80 -10.35
C TYR A 227 -1.09 -11.32 -11.37
N MET A 228 -0.78 -10.53 -12.39
CA MET A 228 0.16 -10.96 -13.43
C MET A 228 1.59 -11.18 -12.96
N ASP A 229 2.00 -10.47 -11.91
CA ASP A 229 3.36 -10.58 -11.35
C ASP A 229 3.54 -11.98 -10.76
N GLY A 230 2.44 -12.64 -10.46
CA GLY A 230 2.51 -13.96 -9.87
C GLY A 230 2.39 -15.16 -10.80
N VAL A 231 2.34 -14.91 -12.11
CA VAL A 231 2.22 -16.02 -13.06
C VAL A 231 3.50 -16.87 -13.02
N TYR A 232 3.32 -18.17 -12.79
CA TYR A 232 4.45 -19.07 -12.67
C TYR A 232 4.60 -20.20 -13.69
N ASP A 233 3.54 -20.55 -14.43
CA ASP A 233 3.70 -21.66 -15.38
C ASP A 233 3.22 -21.30 -16.76
N GLY A 234 3.04 -20.01 -16.98
CA GLY A 234 2.57 -19.53 -18.25
C GLY A 234 1.14 -19.07 -18.17
N SER A 235 0.33 -19.76 -17.37
CA SER A 235 -1.10 -19.43 -17.24
C SER A 235 -1.55 -19.04 -15.82
N LYS A 236 -1.42 -19.98 -14.89
CA LYS A 236 -1.84 -19.77 -13.52
C LYS A 236 -0.95 -18.82 -12.72
N SER A 237 -1.53 -18.22 -11.68
CA SER A 237 -0.82 -17.26 -10.84
C SER A 237 -0.92 -17.64 -9.37
N VAL A 238 0.13 -17.33 -8.60
CA VAL A 238 0.14 -17.60 -7.17
C VAL A 238 -0.51 -16.46 -6.36
N VAL A 239 -0.90 -15.38 -7.04
CA VAL A 239 -1.52 -14.24 -6.38
C VAL A 239 -3.01 -14.53 -6.18
N LEU A 240 -3.42 -14.73 -4.94
CA LEU A 240 -4.82 -15.04 -4.62
C LEU A 240 -5.69 -13.84 -5.00
N THR A 241 -5.25 -12.65 -4.61
CA THR A 241 -5.91 -11.39 -4.94
C THR A 241 -4.91 -10.33 -4.45
N SER A 242 -5.30 -9.06 -4.47
CA SER A 242 -4.42 -7.98 -4.04
C SER A 242 -5.21 -6.90 -3.28
N MET A 243 -4.55 -6.24 -2.33
CA MET A 243 -5.22 -5.18 -1.60
C MET A 243 -4.79 -3.91 -2.33
N VAL A 244 -5.57 -3.56 -3.33
CA VAL A 244 -5.30 -2.39 -4.18
C VAL A 244 -5.44 -1.10 -3.37
N LYS A 245 -4.53 -0.16 -3.61
CA LYS A 245 -4.54 1.13 -2.89
C LYS A 245 -4.26 2.22 -3.93
N ARG A 246 -5.29 2.97 -4.27
CA ARG A 246 -5.18 3.98 -5.32
C ARG A 246 -4.42 5.26 -4.99
N ALA A 247 -3.14 5.08 -4.67
CA ALA A 247 -2.28 6.20 -4.40
C ALA A 247 -2.14 6.99 -5.73
N ASP A 248 -2.33 6.30 -6.86
CA ASP A 248 -2.25 6.98 -8.15
C ASP A 248 -3.40 7.99 -8.31
N VAL A 249 -4.62 7.59 -7.92
CA VAL A 249 -5.77 8.48 -8.01
C VAL A 249 -5.60 9.67 -7.08
N ALA A 250 -5.12 9.41 -5.88
CA ALA A 250 -4.88 10.48 -4.91
C ALA A 250 -3.90 11.52 -5.47
N ALA A 251 -2.80 11.04 -6.06
CA ALA A 251 -1.77 11.91 -6.61
C ALA A 251 -2.33 12.69 -7.79
N GLU A 252 -3.02 11.98 -8.66
CA GLU A 252 -3.61 12.58 -9.85
C GLU A 252 -4.63 13.63 -9.51
N ARG A 253 -5.53 13.31 -8.56
CA ARG A 253 -6.58 14.24 -8.16
C ARG A 253 -6.10 15.50 -7.45
N ILE A 254 -5.17 15.36 -6.52
CA ILE A 254 -4.66 16.51 -5.80
C ILE A 254 -3.75 17.37 -6.71
N SER A 255 -3.01 16.75 -7.63
CA SER A 255 -2.21 17.51 -8.59
C SER A 255 -3.16 18.40 -9.42
N LYS A 256 -4.27 17.81 -9.88
CA LYS A 256 -5.26 18.54 -10.68
C LYS A 256 -5.86 19.69 -9.87
N MET A 257 -6.13 19.49 -8.58
CA MET A 257 -6.67 20.54 -7.74
C MET A 257 -5.69 21.68 -7.62
N ALA A 258 -4.41 21.34 -7.44
CA ALA A 258 -3.37 22.37 -7.33
C ALA A 258 -3.31 23.12 -8.65
N TYR A 259 -3.33 22.39 -9.75
CA TYR A 259 -3.30 22.96 -11.10
C TYR A 259 -4.48 23.92 -11.34
N ASP A 260 -5.65 23.58 -10.79
CA ASP A 260 -6.85 24.37 -10.97
C ASP A 260 -7.13 25.46 -9.96
N GLY A 261 -6.25 25.63 -8.98
CA GLY A 261 -6.46 26.66 -7.98
C GLY A 261 -7.29 26.25 -6.77
N SER A 262 -7.64 24.97 -6.65
CA SER A 262 -8.47 24.52 -5.51
C SER A 262 -7.71 23.61 -4.54
N PHE A 263 -6.41 23.83 -4.39
CA PHE A 263 -5.59 23.03 -3.47
C PHE A 263 -6.14 23.13 -2.04
N PRO A 264 -6.49 21.99 -1.41
CA PRO A 264 -7.03 22.00 -0.03
C PRO A 264 -5.95 21.99 1.07
N GLY A 265 -5.13 23.05 1.09
CA GLY A 265 -4.04 23.15 2.05
C GLY A 265 -4.47 23.00 3.49
N GLY A 266 -3.61 22.44 4.33
CA GLY A 266 -3.95 22.26 5.74
C GLY A 266 -4.84 21.04 6.05
N GLN A 267 -5.28 20.34 5.01
CA GLN A 267 -6.13 19.19 5.19
C GLN A 267 -5.42 17.85 5.00
N SER A 268 -5.82 16.86 5.81
CA SER A 268 -5.28 15.51 5.69
C SER A 268 -6.52 14.74 5.22
N ILE A 269 -6.55 14.39 3.94
CA ILE A 269 -7.68 13.70 3.28
C ILE A 269 -7.62 12.16 3.30
N MET A 270 -8.72 11.54 3.71
CA MET A 270 -8.81 10.09 3.77
C MET A 270 -9.48 9.47 2.54
N PHE A 271 -8.75 8.57 1.88
CA PHE A 271 -9.25 7.86 0.69
C PHE A 271 -9.58 6.46 1.19
N GLY A 272 -10.87 6.14 1.21
CA GLY A 272 -11.31 4.86 1.75
C GLY A 272 -11.97 3.85 0.82
N LEU A 273 -12.57 2.85 1.44
CA LEU A 273 -13.25 1.77 0.75
C LEU A 273 -14.47 2.28 0.02
N GLU A 274 -15.17 3.21 0.66
CA GLU A 274 -16.37 3.82 0.12
C GLU A 274 -16.02 4.50 -1.21
N ASP A 275 -14.89 5.22 -1.22
CA ASP A 275 -14.42 5.92 -2.41
C ASP A 275 -13.73 4.96 -3.38
N LYS A 276 -13.69 3.67 -3.03
CA LYS A 276 -13.06 2.66 -3.87
C LYS A 276 -11.55 2.93 -4.04
N ALA A 277 -10.97 3.65 -3.09
CA ALA A 277 -9.54 3.98 -3.11
C ALA A 277 -8.71 2.82 -2.56
N VAL A 278 -9.38 1.86 -1.93
CA VAL A 278 -8.74 0.63 -1.42
C VAL A 278 -9.75 -0.49 -1.64
N GLY A 279 -9.30 -1.73 -1.63
CA GLY A 279 -10.20 -2.86 -1.80
C GLY A 279 -9.49 -3.90 -2.65
N ILE A 280 -10.26 -4.68 -3.40
CA ILE A 280 -9.66 -5.70 -4.27
C ILE A 280 -9.94 -5.36 -5.73
N PRO A 281 -9.22 -6.02 -6.66
CA PRO A 281 -9.45 -5.74 -8.08
C PRO A 281 -10.90 -6.03 -8.49
N GLU A 282 -11.31 -5.45 -9.62
CA GLU A 282 -12.65 -5.65 -10.18
C GLU A 282 -12.83 -7.15 -10.52
N GLU A 283 -11.82 -7.75 -11.14
CA GLU A 283 -11.86 -9.17 -11.53
C GLU A 283 -10.80 -9.95 -10.74
N ASN A 284 -11.17 -11.13 -10.27
CA ASN A 284 -10.25 -11.97 -9.48
C ASN A 284 -10.30 -13.41 -9.92
N PRO A 285 -9.49 -13.80 -10.93
CA PRO A 285 -9.48 -15.19 -11.42
C PRO A 285 -9.27 -16.26 -10.38
N ASN A 286 -8.51 -15.98 -9.32
CA ASN A 286 -8.28 -16.99 -8.29
C ASN A 286 -9.32 -17.02 -7.17
N LEU A 287 -10.34 -16.18 -7.26
CA LEU A 287 -11.40 -16.18 -6.22
C LEU A 287 -12.74 -16.69 -6.79
N SER A 288 -13.34 -17.69 -6.16
CA SER A 288 -14.61 -18.21 -6.65
C SER A 288 -15.73 -17.17 -6.47
N SER A 289 -16.88 -17.44 -7.09
CA SER A 289 -18.03 -16.54 -6.98
C SER A 289 -18.53 -16.52 -5.54
N ALA A 290 -18.51 -17.68 -4.90
CA ALA A 290 -18.95 -17.78 -3.50
C ALA A 290 -18.10 -16.87 -2.62
N VAL A 291 -16.78 -16.95 -2.82
CA VAL A 291 -15.86 -16.13 -2.06
C VAL A 291 -16.11 -14.66 -2.35
N MET A 292 -16.25 -14.32 -3.63
CA MET A 292 -16.51 -12.92 -4.00
C MET A 292 -17.78 -12.41 -3.34
N GLU A 293 -18.77 -13.29 -3.23
CA GLU A 293 -20.08 -13.00 -2.65
C GLU A 293 -19.92 -12.58 -1.18
N LYS A 294 -19.15 -13.37 -0.45
CA LYS A 294 -18.89 -13.11 0.96
C LYS A 294 -18.12 -11.82 1.14
N ILE A 295 -17.16 -11.58 0.26
CA ILE A 295 -16.33 -10.38 0.36
C ILE A 295 -17.14 -9.12 0.11
N ARG A 296 -17.97 -9.14 -0.94
CA ARG A 296 -18.80 -7.99 -1.26
C ARG A 296 -19.83 -7.72 -0.13
N SER A 297 -20.27 -8.77 0.55
CA SER A 297 -21.22 -8.62 1.64
C SER A 297 -20.53 -7.87 2.79
N PHE A 298 -19.30 -8.27 3.12
CA PHE A 298 -18.56 -7.60 4.18
C PHE A 298 -18.28 -6.18 3.76
N GLU A 299 -17.86 -6.02 2.50
CA GLU A 299 -17.55 -4.71 1.96
C GLU A 299 -18.70 -3.72 2.15
N GLU A 300 -19.92 -4.15 1.83
CA GLU A 300 -21.09 -3.28 1.98
C GLU A 300 -21.28 -2.89 3.45
N LYS A 301 -21.11 -3.86 4.34
CA LYS A 301 -21.28 -3.58 5.77
C LYS A 301 -20.26 -2.60 6.33
N ILE A 302 -19.03 -2.68 5.84
CA ILE A 302 -17.99 -1.77 6.29
C ILE A 302 -18.31 -0.37 5.76
N VAL A 303 -18.68 -0.28 4.48
CA VAL A 303 -19.02 1.02 3.88
C VAL A 303 -20.21 1.67 4.60
N SER A 304 -21.22 0.88 4.95
CA SER A 304 -22.39 1.43 5.65
C SER A 304 -22.11 1.68 7.14
N LYS A 305 -20.92 1.28 7.60
CA LYS A 305 -20.54 1.45 9.00
C LYS A 305 -21.25 0.49 9.96
N GLU A 306 -21.84 -0.57 9.40
CA GLU A 306 -22.53 -1.60 10.17
C GLU A 306 -21.43 -2.41 10.89
N ILE A 307 -20.24 -2.36 10.31
CA ILE A 307 -19.06 -3.02 10.86
C ILE A 307 -17.97 -1.96 10.90
N VAL A 308 -17.31 -1.80 12.03
N VAL A 308 -17.30 -1.83 12.03
CA VAL A 308 -16.21 -0.84 12.09
CA VAL A 308 -16.19 -0.88 12.11
C VAL A 308 -14.93 -1.68 12.24
C VAL A 308 -14.92 -1.69 12.24
N VAL A 309 -14.01 -1.49 11.29
CA VAL A 309 -12.76 -2.20 11.28
C VAL A 309 -11.76 -1.52 12.21
N PRO A 310 -11.10 -2.29 13.08
CA PRO A 310 -10.14 -1.70 14.01
C PRO A 310 -8.90 -1.10 13.33
N VAL A 311 -8.24 -0.19 14.04
CA VAL A 311 -7.04 0.45 13.50
C VAL A 311 -5.78 -0.20 14.02
N ARG A 312 -5.92 -1.02 15.06
CA ARG A 312 -4.79 -1.75 15.65
C ARG A 312 -5.22 -3.19 15.91
N SER A 313 -4.31 -4.13 15.68
CA SER A 313 -4.61 -5.55 15.86
C SER A 313 -4.66 -5.92 17.35
N ALA A 314 -5.23 -7.07 17.66
CA ALA A 314 -5.35 -7.51 19.05
C ALA A 314 -3.99 -7.48 19.80
N ARG A 315 -2.93 -7.96 19.18
CA ARG A 315 -1.64 -7.96 19.87
C ARG A 315 -1.10 -6.56 20.15
N MET A 316 -1.58 -5.57 19.41
CA MET A 316 -1.16 -4.17 19.60
C MET A 316 -2.19 -3.31 20.36
N MET A 317 -3.17 -3.95 20.99
CA MET A 317 -4.16 -3.20 21.76
C MET A 317 -3.92 -3.43 23.25
N ASN A 318 -4.36 -2.50 24.08
CA ASN A 318 -4.20 -2.68 25.52
C ASN A 318 -5.37 -3.50 26.05
#